data_1HSH
#
_entry.id   1HSH
#
_cell.length_a   56.520
_cell.length_b   57.500
_cell.length_c   63.250
_cell.angle_alpha   90.00
_cell.angle_beta   95.14
_cell.angle_gamma   90.00
#
_symmetry.space_group_name_H-M   'P 1 21 1'
#
loop_
_entity.id
_entity.type
_entity.pdbx_description
1 polymer 'HIV-II PROTEASE'
2 non-polymer 'N-[2(R)-HYDROXY-1(S)-INDANYL]-5-[(2(S)-TERTIARY BUTYLAMINOCARBONYL)-4(3-PYRIDYLMETHYL)PIPERAZINO]-4(S)-HYDROXY-2(R)-PHENYLMETHYLPENTANAMIDE'
3 water water
#
_entity_poly.entity_id   1
_entity_poly.type   'polypeptide(L)'
_entity_poly.pdbx_seq_one_letter_code
;PQFSLWKRPVVTAYIEGQPVEVLLDTGADDSIVAGIELGNNYSPKIVGGIGGFINTKEYKNVEIEVLNKKVRATIMTGDT
PINIFGRNILTALGMSLNL
;
_entity_poly.pdbx_strand_id   A,B,C,D
#
# COMPACT_ATOMS: atom_id res chain seq x y z
N PRO A 1 -2.21 -22.18 -27.45
CA PRO A 1 -0.85 -21.54 -27.41
C PRO A 1 -0.48 -21.18 -25.97
N GLN A 2 0.72 -20.64 -25.78
CA GLN A 2 1.25 -20.35 -24.47
C GLN A 2 0.92 -18.94 -24.01
N PHE A 3 0.53 -18.82 -22.75
CA PHE A 3 0.54 -17.54 -22.06
C PHE A 3 1.53 -17.62 -20.90
N SER A 4 2.63 -16.88 -20.99
CA SER A 4 3.42 -16.55 -19.81
C SER A 4 2.66 -15.50 -19.00
N LEU A 5 2.93 -15.41 -17.70
CA LEU A 5 1.99 -14.67 -16.87
C LEU A 5 2.55 -13.33 -16.39
N TRP A 6 3.43 -12.76 -17.20
CA TRP A 6 4.10 -11.51 -16.87
C TRP A 6 3.15 -10.35 -17.06
N LYS A 7 2.15 -10.54 -17.92
CA LYS A 7 0.98 -9.67 -17.98
C LYS A 7 -0.23 -10.50 -17.60
N ARG A 8 -1.35 -9.82 -17.31
CA ARG A 8 -2.64 -10.50 -17.09
C ARG A 8 -3.10 -11.30 -18.33
N PRO A 9 -3.44 -12.57 -18.12
CA PRO A 9 -4.02 -13.39 -19.21
C PRO A 9 -5.41 -12.91 -19.59
N VAL A 10 -5.47 -11.77 -20.26
CA VAL A 10 -6.75 -11.23 -20.72
C VAL A 10 -6.84 -11.41 -22.23
N VAL A 11 -8.01 -11.85 -22.71
CA VAL A 11 -8.26 -11.94 -24.16
C VAL A 11 -9.61 -11.34 -24.49
N THR A 12 -9.86 -11.12 -25.77
CA THR A 12 -11.15 -10.66 -26.23
C THR A 12 -12.03 -11.89 -26.48
N ALA A 13 -13.13 -11.98 -25.73
CA ALA A 13 -14.11 -13.01 -25.94
C ALA A 13 -15.32 -12.44 -26.67
N TYR A 14 -16.19 -13.35 -27.12
CA TYR A 14 -17.44 -13.00 -27.77
C TYR A 14 -18.54 -13.83 -27.10
N ILE A 15 -19.35 -13.19 -26.25
CA ILE A 15 -20.50 -13.84 -25.60
C ILE A 15 -21.69 -13.55 -26.49
N GLU A 16 -21.82 -14.40 -27.50
CA GLU A 16 -21.55 -13.95 -28.84
C GLU A 16 -22.53 -12.96 -29.44
N GLY A 17 -22.03 -12.26 -30.46
CA GLY A 17 -22.45 -10.91 -30.70
C GLY A 17 -21.40 -10.08 -30.03
N GLN A 18 -21.40 -10.16 -28.70
CA GLN A 18 -20.76 -9.18 -27.83
C GLN A 18 -19.31 -9.55 -27.52
N PRO A 19 -18.35 -8.73 -27.98
CA PRO A 19 -16.95 -8.87 -27.56
C PRO A 19 -16.70 -8.28 -26.17
N VAL A 20 -16.33 -9.14 -25.22
CA VAL A 20 -15.93 -8.71 -23.89
C VAL A 20 -14.46 -9.09 -23.72
N GLU A 21 -13.70 -8.33 -22.94
CA GLU A 21 -12.33 -8.70 -22.57
C GLU A 21 -12.39 -9.51 -21.28
N VAL A 22 -11.63 -10.60 -21.21
CA VAL A 22 -11.70 -11.54 -20.08
C VAL A 22 -10.34 -11.95 -19.52
N LEU A 23 -10.27 -12.03 -18.20
CA LEU A 23 -9.15 -12.66 -17.48
C LEU A 23 -9.29 -14.21 -17.37
N LEU A 24 -8.26 -14.92 -17.81
CA LEU A 24 -8.26 -16.38 -17.72
C LEU A 24 -7.73 -16.78 -16.35
N ASP A 25 -8.62 -17.33 -15.51
CA ASP A 25 -8.41 -17.35 -14.06
C ASP A 25 -8.50 -18.75 -13.44
N THR A 26 -7.35 -19.39 -13.24
CA THR A 26 -7.31 -20.73 -12.66
C THR A 26 -7.77 -20.80 -11.21
N GLY A 27 -7.85 -19.64 -10.54
CA GLY A 27 -8.30 -19.62 -9.16
C GLY A 27 -9.80 -19.39 -9.02
N ALA A 28 -10.49 -19.09 -10.12
CA ALA A 28 -11.95 -18.97 -10.09
C ALA A 28 -12.56 -20.30 -10.47
N ASP A 29 -13.46 -20.81 -9.63
CA ASP A 29 -14.27 -21.98 -9.99
C ASP A 29 -15.17 -21.67 -11.19
N ASP A 30 -15.83 -20.53 -11.11
CA ASP A 30 -16.90 -20.18 -12.01
C ASP A 30 -16.47 -18.95 -12.82
N SER A 31 -17.36 -18.45 -13.69
CA SER A 31 -17.09 -17.30 -14.56
C SER A 31 -18.08 -16.19 -14.30
N ILE A 32 -17.58 -14.96 -14.18
CA ILE A 32 -18.43 -13.80 -13.94
C ILE A 32 -18.08 -12.68 -14.90
N VAL A 33 -19.05 -12.26 -15.71
CA VAL A 33 -18.90 -11.14 -16.65
C VAL A 33 -19.83 -10.00 -16.25
N ALA A 34 -19.28 -8.78 -16.21
CA ALA A 34 -20.03 -7.57 -15.88
C ALA A 34 -20.69 -7.02 -17.11
N GLY A 35 -21.30 -5.85 -16.97
CA GLY A 35 -21.73 -5.08 -18.13
C GLY A 35 -22.46 -5.82 -19.23
N ILE A 36 -23.24 -6.85 -18.88
CA ILE A 36 -24.01 -7.60 -19.87
C ILE A 36 -25.37 -8.00 -19.30
N GLU A 37 -26.40 -7.93 -20.15
CA GLU A 37 -27.74 -8.45 -19.85
C GLU A 37 -28.02 -9.56 -20.87
N LEU A 38 -28.43 -10.73 -20.40
CA LEU A 38 -28.08 -11.92 -21.15
C LEU A 38 -29.19 -12.82 -21.67
N GLY A 39 -30.35 -12.86 -21.03
CA GLY A 39 -31.27 -13.94 -21.38
C GLY A 39 -32.39 -14.19 -20.38
N ASN A 40 -33.32 -15.05 -20.82
CA ASN A 40 -34.58 -15.27 -20.13
C ASN A 40 -34.34 -15.70 -18.68
N ASN A 41 -33.78 -16.89 -18.52
CA ASN A 41 -33.84 -17.58 -17.23
C ASN A 41 -32.47 -17.66 -16.59
N TYR A 42 -32.30 -16.92 -15.49
CA TYR A 42 -31.14 -17.06 -14.62
C TYR A 42 -31.58 -17.51 -13.24
N SER A 43 -30.67 -18.13 -12.51
CA SER A 43 -30.87 -18.37 -11.09
C SER A 43 -30.13 -17.28 -10.33
N PRO A 44 -30.73 -16.79 -9.24
CA PRO A 44 -29.96 -16.24 -8.12
C PRO A 44 -28.76 -17.11 -7.73
N LYS A 45 -27.65 -16.44 -7.47
CA LYS A 45 -26.41 -17.08 -7.11
C LYS A 45 -25.62 -16.12 -6.24
N ILE A 46 -24.83 -16.69 -5.35
CA ILE A 46 -24.05 -15.93 -4.39
C ILE A 46 -22.64 -16.48 -4.48
N VAL A 47 -21.65 -15.60 -4.65
CA VAL A 47 -20.27 -16.01 -4.96
C VAL A 47 -19.34 -15.43 -3.91
N GLY A 48 -18.45 -16.26 -3.40
CA GLY A 48 -17.48 -15.81 -2.41
C GLY A 48 -16.10 -15.59 -3.00
N GLY A 49 -15.59 -14.37 -2.86
CA GLY A 49 -14.21 -14.08 -3.23
C GLY A 49 -13.43 -13.59 -2.02
N ILE A 50 -12.29 -12.94 -2.25
CA ILE A 50 -11.56 -12.27 -1.17
C ILE A 50 -12.31 -11.01 -0.74
N GLY A 51 -12.41 -10.81 0.56
CA GLY A 51 -13.09 -9.65 1.08
C GLY A 51 -14.58 -9.61 0.79
N GLY A 52 -15.27 -10.74 0.83
CA GLY A 52 -16.72 -10.70 0.93
C GLY A 52 -17.44 -11.59 -0.05
N PHE A 53 -18.69 -11.24 -0.36
CA PHE A 53 -19.63 -12.02 -1.22
C PHE A 53 -20.32 -11.11 -2.21
N ILE A 54 -20.77 -11.69 -3.32
CA ILE A 54 -21.39 -10.91 -4.38
C ILE A 54 -22.58 -11.69 -4.93
N ASN A 55 -23.65 -10.96 -5.24
CA ASN A 55 -24.87 -11.55 -5.78
C ASN A 55 -24.84 -11.46 -7.29
N THR A 56 -24.75 -12.63 -7.93
CA THR A 56 -24.76 -12.73 -9.39
C THR A 56 -26.01 -13.46 -9.86
N LYS A 57 -26.16 -13.52 -11.19
CA LYS A 57 -27.31 -14.16 -11.85
C LYS A 57 -26.75 -15.16 -12.86
N GLU A 58 -27.30 -16.38 -12.87
CA GLU A 58 -26.68 -17.53 -13.54
C GLU A 58 -27.36 -17.95 -14.84
N TYR A 59 -26.64 -17.80 -15.94
CA TYR A 59 -27.14 -18.10 -17.26
C TYR A 59 -26.37 -19.30 -17.76
N LYS A 60 -27.09 -20.38 -18.04
CA LYS A 60 -26.48 -21.62 -18.48
C LYS A 60 -26.53 -21.72 -20.01
N ASN A 61 -25.61 -22.49 -20.59
CA ASN A 61 -25.69 -22.81 -22.01
C ASN A 61 -25.66 -21.56 -22.91
N VAL A 62 -24.52 -20.87 -22.90
CA VAL A 62 -24.34 -19.60 -23.63
C VAL A 62 -23.28 -19.72 -24.73
N GLU A 63 -23.52 -18.98 -25.81
CA GLU A 63 -22.64 -18.95 -26.97
C GLU A 63 -21.38 -18.18 -26.63
N ILE A 64 -20.28 -18.90 -26.51
CA ILE A 64 -18.98 -18.27 -26.25
C ILE A 64 -17.93 -18.71 -27.26
N GLU A 65 -17.46 -17.76 -28.05
CA GLU A 65 -16.35 -17.99 -28.94
C GLU A 65 -15.15 -17.28 -28.36
N VAL A 66 -14.16 -18.06 -27.91
CA VAL A 66 -12.88 -17.52 -27.47
C VAL A 66 -11.76 -18.47 -27.86
N LEU A 67 -10.62 -17.88 -28.17
CA LEU A 67 -9.40 -18.60 -28.58
C LEU A 67 -9.66 -19.51 -29.80
N ASN A 68 -10.38 -18.93 -30.76
CA ASN A 68 -10.88 -19.65 -31.93
C ASN A 68 -11.55 -20.98 -31.68
N LYS A 69 -11.94 -21.22 -30.44
CA LYS A 69 -12.83 -22.32 -30.14
C LYS A 69 -14.20 -21.72 -29.91
N LYS A 70 -15.23 -22.55 -30.04
CA LYS A 70 -16.58 -22.15 -29.69
C LYS A 70 -16.93 -23.05 -28.51
N VAL A 71 -17.69 -22.53 -27.55
CA VAL A 71 -18.14 -23.31 -26.41
C VAL A 71 -19.54 -22.82 -26.06
N ARG A 72 -20.36 -23.70 -25.53
CA ARG A 72 -21.60 -23.28 -24.88
C ARG A 72 -21.19 -23.39 -23.42
N ALA A 73 -21.53 -22.41 -22.60
CA ALA A 73 -20.97 -22.34 -21.25
C ALA A 73 -21.95 -21.82 -20.23
N THR A 74 -21.73 -22.10 -18.96
CA THR A 74 -22.47 -21.40 -17.93
C THR A 74 -21.65 -20.20 -17.47
N ILE A 75 -22.22 -19.00 -17.61
CA ILE A 75 -21.59 -17.76 -17.15
C ILE A 75 -22.51 -16.92 -16.28
N MET A 76 -22.00 -16.43 -15.15
CA MET A 76 -22.79 -15.55 -14.28
C MET A 76 -22.64 -14.11 -14.69
N THR A 77 -23.62 -13.30 -14.30
CA THR A 77 -23.60 -11.86 -14.55
C THR A 77 -23.68 -11.14 -13.20
N GLY A 78 -22.60 -10.47 -12.82
CA GLY A 78 -22.54 -9.82 -11.52
C GLY A 78 -21.78 -8.53 -11.61
N ASP A 79 -21.71 -7.80 -10.52
CA ASP A 79 -21.01 -6.52 -10.50
C ASP A 79 -19.55 -6.80 -10.17
N THR A 80 -18.84 -7.35 -11.14
CA THR A 80 -17.44 -7.72 -10.97
C THR A 80 -16.56 -6.59 -11.52
N PRO A 81 -15.50 -6.20 -10.79
CA PRO A 81 -14.46 -5.25 -11.25
C PRO A 81 -13.71 -5.66 -12.54
N ILE A 82 -13.62 -6.97 -12.78
CA ILE A 82 -12.99 -7.48 -13.98
C ILE A 82 -13.74 -8.75 -14.41
N ASN A 83 -13.86 -8.94 -15.72
CA ASN A 83 -14.48 -10.16 -16.27
C ASN A 83 -13.52 -11.35 -16.18
N ILE A 84 -14.09 -12.49 -15.82
CA ILE A 84 -13.33 -13.66 -15.38
C ILE A 84 -13.84 -14.85 -16.15
N PHE A 85 -12.94 -15.56 -16.80
CA PHE A 85 -13.25 -16.88 -17.32
C PHE A 85 -12.60 -17.90 -16.38
N GLY A 86 -13.44 -18.55 -15.56
CA GLY A 86 -12.94 -19.46 -14.54
C GLY A 86 -12.74 -20.88 -15.01
N ARG A 87 -12.63 -21.81 -14.07
CA ARG A 87 -12.26 -23.17 -14.41
C ARG A 87 -13.34 -23.81 -15.26
N ASN A 88 -14.60 -23.49 -15.00
CA ASN A 88 -15.70 -24.14 -15.71
C ASN A 88 -15.57 -23.98 -17.22
N ILE A 89 -14.97 -22.88 -17.66
CA ILE A 89 -14.79 -22.66 -19.08
C ILE A 89 -13.39 -23.08 -19.52
N LEU A 90 -12.42 -22.94 -18.61
CA LEU A 90 -11.02 -23.21 -18.98
C LEU A 90 -10.83 -24.70 -19.30
N THR A 91 -11.56 -25.56 -18.57
CA THR A 91 -11.57 -27.01 -18.82
C THR A 91 -12.21 -27.28 -20.19
N ALA A 92 -13.40 -26.73 -20.39
CA ALA A 92 -14.08 -26.84 -21.68
C ALA A 92 -13.08 -26.60 -22.79
N LEU A 93 -12.35 -25.51 -22.67
CA LEU A 93 -11.40 -25.10 -23.69
C LEU A 93 -10.20 -26.06 -23.83
N GLY A 94 -9.94 -26.84 -22.77
CA GLY A 94 -8.76 -27.69 -22.74
C GLY A 94 -7.43 -26.97 -22.46
N MET A 95 -7.50 -25.88 -21.70
CA MET A 95 -6.30 -25.20 -21.23
C MET A 95 -5.67 -25.91 -20.04
N SER A 96 -4.36 -25.77 -19.88
CA SER A 96 -3.71 -26.27 -18.67
C SER A 96 -2.66 -25.30 -18.13
N LEU A 97 -2.27 -25.50 -16.88
CA LEU A 97 -1.08 -24.86 -16.31
C LEU A 97 0.09 -25.82 -16.41
N ASN A 98 1.25 -25.33 -16.84
CA ASN A 98 2.43 -26.19 -17.00
C ASN A 98 3.61 -25.69 -16.22
N LEU A 99 4.25 -26.62 -15.53
CA LEU A 99 5.62 -26.50 -15.03
C LEU A 99 5.74 -25.74 -13.71
N PRO B 1 3.54 -30.48 -12.47
CA PRO B 1 4.15 -29.85 -13.67
C PRO B 1 3.26 -29.77 -14.92
N GLN B 2 2.03 -30.27 -14.87
CA GLN B 2 1.11 -30.03 -15.97
C GLN B 2 -0.32 -30.21 -15.49
N PHE B 3 -0.84 -29.17 -14.86
CA PHE B 3 -2.08 -29.26 -14.12
C PHE B 3 -3.26 -29.11 -15.08
N SER B 4 -4.10 -30.13 -15.11
CA SER B 4 -5.40 -30.04 -15.78
C SER B 4 -6.30 -29.32 -14.80
N LEU B 5 -7.23 -28.54 -15.32
CA LEU B 5 -7.93 -27.62 -14.44
C LEU B 5 -9.25 -28.22 -13.98
N TRP B 6 -9.32 -29.54 -13.92
CA TRP B 6 -10.57 -30.24 -13.62
C TRP B 6 -10.89 -30.10 -12.16
N LYS B 7 -9.85 -30.12 -11.33
CA LYS B 7 -9.94 -29.74 -9.92
C LYS B 7 -9.17 -28.43 -9.70
N ARG B 8 -9.34 -27.81 -8.53
CA ARG B 8 -8.52 -26.67 -8.11
C ARG B 8 -7.03 -27.04 -8.16
N PRO B 9 -6.21 -26.25 -8.86
CA PRO B 9 -4.77 -26.59 -8.88
C PRO B 9 -4.06 -26.22 -7.59
N VAL B 10 -4.09 -27.14 -6.63
CA VAL B 10 -3.45 -26.92 -5.34
C VAL B 10 -2.19 -27.75 -5.23
N VAL B 11 -1.08 -27.12 -4.87
CA VAL B 11 0.12 -27.87 -4.53
C VAL B 11 0.51 -27.56 -3.08
N THR B 12 1.50 -28.29 -2.58
CA THR B 12 2.18 -27.92 -1.33
C THR B 12 3.37 -27.05 -1.69
N ALA B 13 3.48 -25.88 -1.05
CA ALA B 13 4.66 -25.04 -1.17
C ALA B 13 5.34 -25.04 0.20
N TYR B 14 6.64 -24.72 0.23
CA TYR B 14 7.33 -24.42 1.49
C TYR B 14 7.65 -22.95 1.53
N ILE B 15 7.13 -22.25 2.50
CA ILE B 15 7.47 -20.83 2.66
C ILE B 15 8.46 -20.67 3.81
N GLU B 16 9.70 -20.34 3.47
CA GLU B 16 10.79 -20.30 4.45
C GLU B 16 10.87 -21.60 5.28
N GLY B 17 10.74 -22.72 4.58
CA GLY B 17 10.77 -24.04 5.20
C GLY B 17 9.43 -24.62 5.65
N GLN B 18 8.41 -23.76 5.78
CA GLN B 18 7.08 -24.17 6.27
C GLN B 18 6.17 -24.66 5.14
N PRO B 19 5.67 -25.91 5.24
CA PRO B 19 4.72 -26.38 4.24
C PRO B 19 3.34 -25.77 4.39
N VAL B 20 2.80 -25.37 3.24
CA VAL B 20 1.48 -24.74 3.14
C VAL B 20 0.86 -25.27 1.84
N GLU B 21 -0.46 -25.37 1.81
CA GLU B 21 -1.19 -25.70 0.58
C GLU B 21 -1.63 -24.41 -0.12
N VAL B 22 -1.32 -24.29 -1.39
CA VAL B 22 -1.58 -23.02 -2.06
C VAL B 22 -2.29 -23.34 -3.35
N LEU B 23 -3.25 -22.49 -3.70
CA LEU B 23 -3.90 -22.55 -5.01
C LEU B 23 -3.12 -21.73 -6.05
N LEU B 24 -2.73 -22.37 -7.15
CA LEU B 24 -2.01 -21.66 -8.20
C LEU B 24 -2.99 -20.89 -9.08
N ASP B 25 -2.92 -19.57 -9.01
CA ASP B 25 -4.02 -18.72 -9.43
C ASP B 25 -3.52 -17.69 -10.48
N THR B 26 -3.88 -17.91 -11.74
CA THR B 26 -3.48 -17.00 -12.81
C THR B 26 -4.18 -15.65 -12.77
N GLY B 27 -5.35 -15.61 -12.13
CA GLY B 27 -6.06 -14.37 -12.02
C GLY B 27 -5.63 -13.47 -10.87
N ALA B 28 -4.75 -13.95 -10.00
CA ALA B 28 -4.27 -13.12 -8.89
C ALA B 28 -2.98 -12.38 -9.31
N ASP B 29 -2.97 -11.06 -9.19
CA ASP B 29 -1.76 -10.31 -9.55
C ASP B 29 -0.69 -10.56 -8.50
N ASP B 30 -1.11 -10.76 -7.25
CA ASP B 30 -0.22 -10.98 -6.14
C ASP B 30 -0.60 -12.22 -5.31
N SER B 31 0.16 -12.44 -4.25
CA SER B 31 0.11 -13.67 -3.45
C SER B 31 -0.19 -13.32 -2.00
N ILE B 32 -1.04 -14.12 -1.36
CA ILE B 32 -1.53 -13.89 -0.01
C ILE B 32 -1.79 -15.25 0.65
N VAL B 33 -1.19 -15.47 1.82
CA VAL B 33 -1.44 -16.69 2.60
C VAL B 33 -1.95 -16.35 4.00
N ALA B 34 -2.61 -17.30 4.64
CA ALA B 34 -2.97 -17.17 6.03
C ALA B 34 -2.26 -18.23 6.87
N GLY B 35 -2.28 -18.08 8.17
CA GLY B 35 -1.82 -19.16 9.00
C GLY B 35 -0.31 -19.26 9.15
N ILE B 36 0.45 -18.33 8.56
CA ILE B 36 1.88 -18.29 8.84
C ILE B 36 2.29 -16.91 9.36
N GLU B 37 3.23 -16.88 10.31
CA GLU B 37 3.76 -15.61 10.84
C GLU B 37 5.16 -15.34 10.30
N LEU B 38 5.33 -14.25 9.57
CA LEU B 38 6.60 -14.04 8.90
C LEU B 38 7.46 -12.96 9.54
N GLY B 39 6.92 -12.27 10.53
CA GLY B 39 7.77 -11.32 11.27
C GLY B 39 7.29 -9.89 11.35
N ASN B 40 8.14 -9.03 11.87
CA ASN B 40 7.69 -7.68 12.10
C ASN B 40 8.11 -6.74 10.97
N ASN B 41 9.03 -7.21 10.15
CA ASN B 41 9.43 -6.44 8.98
C ASN B 41 8.44 -6.60 7.81
N TYR B 42 7.30 -5.93 7.94
CA TYR B 42 6.34 -5.87 6.86
C TYR B 42 5.95 -4.43 6.61
N SER B 43 5.33 -4.18 5.46
CA SER B 43 4.52 -2.96 5.24
C SER B 43 3.04 -3.34 5.21
N PRO B 44 2.19 -2.49 5.78
CA PRO B 44 0.75 -2.61 5.56
C PRO B 44 0.34 -2.32 4.09
N LYS B 45 -0.57 -3.11 3.56
CA LYS B 45 -0.93 -3.01 2.18
C LYS B 45 -2.41 -3.36 2.08
N ILE B 46 -3.18 -2.60 1.31
CA ILE B 46 -4.58 -2.98 1.07
C ILE B 46 -4.73 -3.63 -0.30
N VAL B 47 -5.52 -4.69 -0.35
CA VAL B 47 -5.69 -5.51 -1.54
C VAL B 47 -7.18 -5.71 -1.85
N GLY B 48 -7.52 -5.72 -3.13
CA GLY B 48 -8.90 -5.81 -3.55
C GLY B 48 -9.20 -7.11 -4.27
N GLY B 49 -10.05 -7.92 -3.64
CA GLY B 49 -10.52 -9.14 -4.29
C GLY B 49 -11.91 -8.91 -4.85
N ILE B 50 -12.56 -9.97 -5.28
CA ILE B 50 -13.86 -9.83 -5.92
C ILE B 50 -14.99 -9.44 -4.94
N GLY B 51 -14.79 -9.67 -3.64
CA GLY B 51 -15.79 -9.30 -2.66
C GLY B 51 -15.59 -7.92 -2.06
N GLY B 52 -14.39 -7.35 -2.22
CA GLY B 52 -14.06 -6.08 -1.60
C GLY B 52 -12.61 -6.01 -1.15
N PHE B 53 -12.35 -5.12 -0.19
CA PHE B 53 -10.98 -4.68 0.12
C PHE B 53 -10.58 -5.19 1.51
N ILE B 54 -9.37 -5.77 1.61
CA ILE B 54 -8.85 -6.25 2.90
C ILE B 54 -7.46 -5.68 3.23
N ASN B 55 -7.15 -5.61 4.52
CA ASN B 55 -5.81 -5.26 4.97
C ASN B 55 -4.87 -6.47 4.94
N THR B 56 -3.61 -6.27 4.53
CA THR B 56 -2.61 -7.35 4.54
C THR B 56 -1.22 -6.85 5.02
N LYS B 57 -0.32 -7.79 5.27
CA LYS B 57 1.04 -7.48 5.67
C LYS B 57 1.92 -7.89 4.55
N GLU B 58 2.77 -6.97 4.08
CA GLU B 58 3.63 -7.25 2.94
C GLU B 58 5.09 -7.46 3.30
N TYR B 59 5.60 -8.65 2.96
CA TYR B 59 7.01 -9.03 3.10
C TYR B 59 7.65 -9.14 1.72
N LYS B 60 8.93 -8.80 1.65
CA LYS B 60 9.66 -8.82 0.41
C LYS B 60 10.76 -9.89 0.48
N ASN B 61 11.00 -10.55 -0.65
CA ASN B 61 12.07 -11.53 -0.78
C ASN B 61 12.02 -12.65 0.25
N VAL B 62 10.84 -13.24 0.34
CA VAL B 62 10.62 -14.41 1.13
C VAL B 62 10.98 -15.60 0.22
N GLU B 63 11.55 -16.62 0.83
CA GLU B 63 12.00 -17.83 0.18
C GLU B 63 10.84 -18.82 0.03
N ILE B 64 10.53 -19.20 -1.21
CA ILE B 64 9.46 -20.13 -1.59
C ILE B 64 10.05 -21.34 -2.35
N GLU B 65 9.62 -22.54 -2.00
CA GLU B 65 10.01 -23.70 -2.76
C GLU B 65 8.73 -24.33 -3.24
N VAL B 66 8.62 -24.58 -4.55
CA VAL B 66 7.51 -25.36 -5.11
C VAL B 66 8.08 -26.33 -6.13
N LEU B 67 7.61 -27.57 -6.11
CA LEU B 67 8.14 -28.64 -6.98
C LEU B 67 9.54 -28.44 -7.54
N ASN B 68 10.54 -28.48 -6.65
CA ASN B 68 11.96 -28.53 -6.99
C ASN B 68 12.60 -27.17 -7.27
N LYS B 69 11.79 -26.11 -7.27
CA LYS B 69 12.25 -24.75 -7.56
C LYS B 69 12.23 -23.87 -6.30
N LYS B 70 13.36 -23.22 -6.01
CA LYS B 70 13.41 -22.29 -4.88
C LYS B 70 13.48 -20.85 -5.40
N VAL B 71 12.49 -20.04 -5.06
CA VAL B 71 12.51 -18.64 -5.45
C VAL B 71 12.37 -17.70 -4.23
N ARG B 72 12.51 -16.40 -4.49
CA ARG B 72 12.33 -15.38 -3.46
C ARG B 72 11.39 -14.34 -4.03
N ALA B 73 10.29 -14.11 -3.33
CA ALA B 73 9.17 -13.37 -3.87
C ALA B 73 8.54 -12.51 -2.79
N THR B 74 7.72 -11.57 -3.21
CA THR B 74 6.89 -10.83 -2.28
C THR B 74 5.62 -11.65 -1.98
N ILE B 75 5.27 -11.70 -0.70
CA ILE B 75 4.11 -12.44 -0.26
C ILE B 75 3.40 -11.62 0.81
N MET B 76 2.08 -11.55 0.72
CA MET B 76 1.28 -10.91 1.75
C MET B 76 0.73 -11.99 2.69
N THR B 77 0.63 -11.68 3.97
CA THR B 77 -0.15 -12.53 4.88
C THR B 77 -1.45 -11.82 5.28
N GLY B 78 -2.47 -12.61 5.60
CA GLY B 78 -3.73 -12.03 6.01
C GLY B 78 -4.81 -13.05 6.29
N ASP B 79 -6.04 -12.59 6.34
CA ASP B 79 -7.18 -13.44 6.55
C ASP B 79 -7.73 -13.77 5.18
N THR B 80 -7.40 -14.96 4.71
CA THR B 80 -7.93 -15.46 3.45
C THR B 80 -8.50 -16.89 3.61
N PRO B 81 -9.70 -17.14 3.02
CA PRO B 81 -10.32 -18.47 2.99
C PRO B 81 -9.39 -19.54 2.42
N ILE B 82 -8.62 -19.18 1.39
CA ILE B 82 -7.66 -20.09 0.76
C ILE B 82 -6.34 -19.34 0.42
N ASN B 83 -5.22 -20.07 0.48
CA ASN B 83 -3.88 -19.54 0.19
C ASN B 83 -3.68 -19.44 -1.29
N ILE B 84 -3.15 -18.31 -1.74
CA ILE B 84 -3.04 -18.03 -3.16
C ILE B 84 -1.60 -17.78 -3.61
N PHE B 85 -1.19 -18.43 -4.70
CA PHE B 85 0.04 -18.07 -5.39
C PHE B 85 -0.31 -17.33 -6.71
N GLY B 86 -0.13 -16.01 -6.73
CA GLY B 86 -0.53 -15.25 -7.87
C GLY B 86 0.56 -15.20 -8.93
N ARG B 87 0.42 -14.24 -9.85
CA ARG B 87 1.29 -14.11 -11.01
C ARG B 87 2.75 -13.78 -10.63
N ASN B 88 2.94 -13.02 -9.57
CA ASN B 88 4.29 -12.60 -9.15
C ASN B 88 5.16 -13.80 -8.83
N ILE B 89 4.53 -14.88 -8.37
CA ILE B 89 5.22 -16.14 -8.12
C ILE B 89 5.16 -17.11 -9.32
N LEU B 90 4.02 -17.20 -10.00
CA LEU B 90 3.89 -18.15 -11.10
C LEU B 90 4.92 -17.86 -12.16
N THR B 91 5.10 -16.57 -12.44
CA THR B 91 6.20 -16.12 -13.31
C THR B 91 7.61 -16.48 -12.79
N ALA B 92 7.88 -16.21 -11.51
CA ALA B 92 9.15 -16.61 -10.91
C ALA B 92 9.40 -18.10 -11.05
N LEU B 93 8.31 -18.86 -11.09
CA LEU B 93 8.39 -20.29 -11.23
C LEU B 93 8.57 -20.73 -12.68
N GLY B 94 8.38 -19.81 -13.63
CA GLY B 94 8.38 -20.18 -15.04
C GLY B 94 7.16 -20.98 -15.48
N MET B 95 6.03 -20.76 -14.81
CA MET B 95 4.79 -21.40 -15.19
C MET B 95 4.05 -20.63 -16.30
N SER B 96 3.34 -21.36 -17.16
CA SER B 96 2.53 -20.75 -18.21
C SER B 96 1.10 -21.35 -18.25
N LEU B 97 0.26 -20.74 -19.07
CA LEU B 97 -1.07 -21.27 -19.43
C LEU B 97 -1.06 -21.88 -20.86
N ASN B 98 -1.64 -23.09 -20.98
CA ASN B 98 -1.48 -23.99 -22.15
C ASN B 98 -2.80 -24.11 -22.89
N LEU B 99 -2.75 -23.98 -24.22
CA LEU B 99 -3.85 -24.42 -25.09
C LEU B 99 -3.32 -25.03 -26.38
N PRO C 1 7.07 -3.09 11.81
CA PRO C 1 6.42 -2.55 10.59
C PRO C 1 7.34 -1.51 9.98
N GLN C 2 7.18 -1.30 8.66
CA GLN C 2 8.02 -0.38 7.88
C GLN C 2 7.14 0.60 7.08
N PHE C 3 7.41 1.90 7.20
CA PHE C 3 6.69 2.94 6.47
C PHE C 3 7.60 3.56 5.42
N SER C 4 7.14 3.54 4.18
CA SER C 4 8.01 3.80 3.02
C SER C 4 8.04 5.28 2.66
N LEU C 5 7.00 6.00 3.10
CA LEU C 5 6.88 7.45 2.94
C LEU C 5 6.45 7.95 1.54
N TRP C 6 6.02 7.05 0.64
CA TRP C 6 5.47 7.54 -0.63
C TRP C 6 4.13 8.24 -0.42
N LYS C 7 3.41 7.88 0.62
CA LYS C 7 2.37 8.79 1.08
C LYS C 7 2.49 9.07 2.58
N ARG C 8 1.68 10.03 3.05
CA ARG C 8 1.74 10.49 4.43
C ARG C 8 1.61 9.31 5.38
N PRO C 9 2.53 9.23 6.37
CA PRO C 9 2.54 8.17 7.41
C PRO C 9 1.44 8.30 8.45
N VAL C 10 0.21 8.02 8.03
CA VAL C 10 -0.96 8.25 8.87
C VAL C 10 -1.43 6.93 9.44
N VAL C 11 -1.58 6.84 10.76
CA VAL C 11 -2.17 5.68 11.40
C VAL C 11 -3.31 6.07 12.36
N THR C 12 -3.95 5.06 12.94
CA THR C 12 -4.99 5.27 13.94
C THR C 12 -4.37 5.03 15.30
N ALA C 13 -4.74 5.85 16.27
CA ALA C 13 -4.33 5.67 17.64
C ALA C 13 -5.55 5.85 18.50
N TYR C 14 -5.46 5.41 19.74
CA TYR C 14 -6.54 5.63 20.69
C TYR C 14 -5.96 6.56 21.73
N ILE C 15 -6.66 7.65 22.00
CA ILE C 15 -6.23 8.59 23.01
C ILE C 15 -7.28 8.65 24.13
N GLU C 16 -6.96 8.03 25.28
CA GLU C 16 -7.93 7.76 26.34
C GLU C 16 -9.18 7.00 25.84
N GLY C 17 -8.99 6.04 24.94
CA GLY C 17 -10.14 5.42 24.30
C GLY C 17 -10.46 5.97 22.92
N GLN C 18 -10.70 7.27 22.81
CA GLN C 18 -11.04 7.91 21.55
C GLN C 18 -10.07 7.58 20.41
N PRO C 19 -10.55 6.90 19.36
CA PRO C 19 -9.78 6.66 18.14
C PRO C 19 -9.66 7.91 17.27
N VAL C 20 -8.55 8.03 16.55
CA VAL C 20 -8.25 9.24 15.79
C VAL C 20 -7.07 8.93 14.88
N GLU C 21 -7.01 9.59 13.74
CA GLU C 21 -5.93 9.31 12.79
C GLU C 21 -4.83 10.36 12.96
N VAL C 22 -3.60 9.91 13.11
CA VAL C 22 -2.47 10.79 13.44
C VAL C 22 -1.36 10.58 12.42
N LEU C 23 -0.72 11.68 12.03
CA LEU C 23 0.44 11.64 11.17
C LEU C 23 1.70 11.44 12.05
N LEU C 24 2.60 10.58 11.59
CA LEU C 24 3.86 10.31 12.27
C LEU C 24 4.92 11.29 11.74
N ASP C 25 5.29 12.25 12.58
CA ASP C 25 5.94 13.46 12.10
C ASP C 25 7.28 13.66 12.83
N THR C 26 8.39 13.34 12.17
CA THR C 26 9.68 13.46 12.81
C THR C 26 10.18 14.91 12.90
N GLY C 27 9.48 15.84 12.24
CA GLY C 27 9.85 17.24 12.30
C GLY C 27 9.15 18.00 13.41
N ALA C 28 8.17 17.36 14.05
CA ALA C 28 7.49 17.93 15.20
C ALA C 28 8.16 17.51 16.54
N ASP C 29 8.50 18.50 17.38
CA ASP C 29 9.09 18.20 18.67
C ASP C 29 8.00 17.62 19.54
N ASP C 30 6.78 18.16 19.42
CA ASP C 30 5.66 17.80 20.27
C ASP C 30 4.50 17.20 19.46
N SER C 31 3.37 16.96 20.12
CA SER C 31 2.24 16.27 19.51
C SER C 31 1.04 17.15 19.75
N ILE C 32 0.19 17.28 18.73
CA ILE C 32 -1.07 17.99 18.91
C ILE C 32 -2.22 17.34 18.16
N VAL C 33 -3.37 17.29 18.81
CA VAL C 33 -4.58 16.70 18.23
C VAL C 33 -5.77 17.65 18.36
N ALA C 34 -6.70 17.54 17.41
CA ALA C 34 -7.97 18.21 17.48
C ALA C 34 -9.11 17.18 17.63
N GLY C 35 -10.31 17.65 17.95
CA GLY C 35 -11.45 16.76 18.00
C GLY C 35 -11.50 15.72 19.12
N ILE C 36 -10.67 15.85 20.14
CA ILE C 36 -10.69 14.92 21.25
C ILE C 36 -11.08 15.68 22.50
N GLU C 37 -11.95 15.08 23.31
CA GLU C 37 -12.38 15.70 24.55
C GLU C 37 -11.38 15.28 25.62
N LEU C 38 -10.60 16.23 26.14
CA LEU C 38 -9.56 15.88 27.10
C LEU C 38 -9.72 16.46 28.54
N GLY C 39 -10.58 17.47 28.68
CA GLY C 39 -11.02 17.90 30.00
C GLY C 39 -10.42 19.21 30.50
N ASN C 40 -10.36 19.35 31.82
CA ASN C 40 -10.19 20.65 32.43
C ASN C 40 -8.81 20.93 33.03
N ASN C 41 -8.00 19.90 33.15
CA ASN C 41 -6.71 20.04 33.79
C ASN C 41 -5.62 20.17 32.74
N TYR C 42 -5.51 21.36 32.16
CA TYR C 42 -4.49 21.65 31.18
C TYR C 42 -3.78 22.97 31.47
N SER C 43 -2.55 23.10 31.02
CA SER C 43 -1.91 24.41 30.96
C SER C 43 -1.88 24.90 29.50
N PRO C 44 -2.01 26.23 29.31
CA PRO C 44 -2.04 26.84 27.99
C PRO C 44 -0.64 26.99 27.43
N LYS C 45 -0.50 26.67 26.16
CA LYS C 45 0.80 26.73 25.50
C LYS C 45 0.70 27.50 24.18
N ILE C 46 1.85 27.94 23.69
CA ILE C 46 1.95 28.43 22.33
C ILE C 46 3.01 27.58 21.63
N VAL C 47 2.64 27.05 20.48
CA VAL C 47 3.58 26.40 19.58
C VAL C 47 3.58 27.16 18.26
N GLY C 48 4.64 27.02 17.50
CA GLY C 48 4.65 27.56 16.16
C GLY C 48 5.22 26.57 15.18
N GLY C 49 4.71 26.59 13.96
CA GLY C 49 5.36 25.87 12.88
C GLY C 49 5.56 26.83 11.74
N ILE C 50 5.52 26.30 10.52
CA ILE C 50 5.43 27.09 9.29
C ILE C 50 4.22 28.02 9.39
N GLY C 51 4.40 29.28 8.98
CA GLY C 51 3.27 30.20 8.89
C GLY C 51 2.79 30.81 10.20
N GLY C 52 3.36 30.41 11.33
CA GLY C 52 3.01 31.07 12.59
C GLY C 52 2.73 30.21 13.82
N PHE C 53 2.01 30.81 14.78
CA PHE C 53 1.78 30.22 16.10
C PHE C 53 0.33 29.87 16.35
N ILE C 54 0.14 28.89 17.21
CA ILE C 54 -1.16 28.36 17.56
C ILE C 54 -1.25 28.35 19.10
N ASN C 55 -2.46 28.51 19.62
CA ASN C 55 -2.71 28.41 21.07
C ASN C 55 -3.24 27.02 21.36
N THR C 56 -2.49 26.25 22.13
CA THR C 56 -2.83 24.85 22.40
C THR C 56 -3.08 24.64 23.89
N LYS C 57 -3.62 23.48 24.23
CA LYS C 57 -3.83 23.08 25.63
C LYS C 57 -2.95 21.88 25.95
N GLU C 58 -2.21 21.95 27.05
CA GLU C 58 -1.23 20.91 27.35
C GLU C 58 -1.73 19.99 28.46
N TYR C 59 -1.71 18.69 28.17
CA TYR C 59 -2.16 17.66 29.10
C TYR C 59 -0.99 16.68 29.25
N LYS C 60 -0.70 16.25 30.48
CA LYS C 60 0.36 15.26 30.71
C LYS C 60 -0.23 13.92 31.15
N ASN C 61 0.54 12.85 31.02
CA ASN C 61 0.19 11.52 31.52
C ASN C 61 -1.10 10.97 30.90
N VAL C 62 -1.19 11.22 29.59
CA VAL C 62 -2.33 10.84 28.74
C VAL C 62 -2.02 9.46 28.13
N GLU C 63 -2.97 8.53 28.24
CA GLU C 63 -2.80 7.18 27.71
C GLU C 63 -3.01 7.21 26.22
N ILE C 64 -1.97 6.86 25.49
CA ILE C 64 -1.99 6.76 24.04
C ILE C 64 -1.79 5.28 23.69
N GLU C 65 -2.60 4.79 22.77
CA GLU C 65 -2.48 3.43 22.27
C GLU C 65 -2.38 3.50 20.76
N VAL C 66 -1.24 3.16 20.21
CA VAL C 66 -1.09 3.17 18.76
C VAL C 66 -0.10 2.06 18.41
N LEU C 67 -0.31 1.41 17.28
CA LEU C 67 0.62 0.41 16.78
C LEU C 67 0.75 -0.74 17.79
N ASN C 68 -0.33 -0.94 18.53
CA ASN C 68 -0.46 -1.99 19.53
C ASN C 68 0.37 -1.79 20.80
N LYS C 69 1.22 -0.77 20.81
CA LYS C 69 1.92 -0.36 22.03
C LYS C 69 1.09 0.59 22.85
N LYS C 70 1.41 0.71 24.13
CA LYS C 70 0.71 1.66 24.98
C LYS C 70 1.70 2.52 25.79
N VAL C 71 1.59 3.84 25.67
CA VAL C 71 2.46 4.78 26.38
C VAL C 71 1.59 5.83 27.04
N ARG C 72 2.09 6.44 28.11
CA ARG C 72 1.48 7.63 28.66
C ARG C 72 2.33 8.78 28.17
N ALA C 73 1.70 9.87 27.75
CA ALA C 73 2.42 10.91 27.04
C ALA C 73 1.84 12.29 27.35
N THR C 74 2.64 13.32 27.12
CA THR C 74 2.13 14.68 27.04
C THR C 74 1.56 14.89 25.63
N ILE C 75 0.34 15.43 25.58
CA ILE C 75 -0.28 15.78 24.31
C ILE C 75 -0.94 17.16 24.41
N MET C 76 -0.89 17.91 23.31
CA MET C 76 -1.56 19.19 23.25
C MET C 76 -2.81 19.04 22.41
N THR C 77 -3.82 19.83 22.73
CA THR C 77 -4.99 19.95 21.86
C THR C 77 -5.07 21.37 21.29
N GLY C 78 -5.34 21.46 20.01
CA GLY C 78 -5.39 22.76 19.37
C GLY C 78 -6.06 22.68 18.02
N ASP C 79 -6.33 23.86 17.47
CA ASP C 79 -6.94 23.98 16.16
C ASP C 79 -5.91 23.60 15.09
N THR C 80 -5.76 22.30 14.82
CA THR C 80 -4.71 21.86 13.90
C THR C 80 -5.34 21.15 12.71
N PRO C 81 -4.76 21.34 11.50
CA PRO C 81 -5.31 20.82 10.23
C PRO C 81 -5.41 19.33 10.20
N ILE C 82 -4.63 18.68 11.06
CA ILE C 82 -4.23 17.29 10.90
C ILE C 82 -3.53 16.93 12.22
N ASN C 83 -3.70 15.70 12.67
CA ASN C 83 -3.31 15.34 14.01
C ASN C 83 -1.88 14.91 13.95
N ILE C 84 -1.07 15.45 14.85
CA ILE C 84 0.38 15.18 14.81
C ILE C 84 0.91 14.39 16.03
N PHE C 85 1.59 13.28 15.73
CA PHE C 85 2.40 12.59 16.70
C PHE C 85 3.87 12.94 16.42
N GLY C 86 4.43 13.83 17.24
CA GLY C 86 5.79 14.32 17.04
C GLY C 86 6.80 13.47 17.79
N ARG C 87 8.02 13.97 17.99
CA ARG C 87 9.16 13.11 18.38
C ARG C 87 9.00 12.62 19.81
N ASN C 88 8.20 13.35 20.60
CA ASN C 88 7.96 12.99 21.99
C ASN C 88 7.22 11.67 22.13
N ILE C 89 6.34 11.34 21.19
CA ILE C 89 5.65 10.05 21.24
C ILE C 89 6.38 8.97 20.43
N LEU C 90 6.97 9.36 19.32
CA LEU C 90 7.68 8.41 18.49
C LEU C 90 8.82 7.73 19.25
N THR C 91 9.52 8.48 20.10
CA THR C 91 10.63 7.92 20.89
C THR C 91 10.06 6.98 21.92
N ALA C 92 8.93 7.38 22.52
CA ALA C 92 8.25 6.57 23.52
C ALA C 92 7.82 5.22 22.94
N LEU C 93 7.58 5.22 21.63
CA LEU C 93 7.17 4.02 20.95
C LEU C 93 8.37 3.13 20.60
N GLY C 94 9.48 3.72 20.18
CA GLY C 94 10.59 2.92 19.73
C GLY C 94 10.82 3.10 18.25
N MET C 95 10.14 4.09 17.67
CA MET C 95 10.32 4.48 16.27
C MET C 95 11.68 5.11 15.96
N SER C 96 12.20 4.76 14.79
CA SER C 96 13.48 5.25 14.27
C SER C 96 13.30 5.56 12.79
N LEU C 97 14.26 6.25 12.18
CA LEU C 97 14.17 6.65 10.78
C LEU C 97 15.44 6.14 10.12
N ASN C 98 15.33 5.30 9.10
CA ASN C 98 16.49 4.54 8.68
C ASN C 98 17.03 4.84 7.29
N LEU C 99 18.33 5.14 7.25
CA LEU C 99 19.17 4.98 6.05
C LEU C 99 18.85 5.96 4.92
N PRO D 1 22.25 4.01 7.98
CA PRO D 1 22.06 5.03 9.04
C PRO D 1 20.91 4.64 9.97
N GLN D 2 20.85 5.29 11.12
CA GLN D 2 19.65 5.31 11.93
C GLN D 2 19.52 6.62 12.68
N PHE D 3 18.31 7.19 12.68
CA PHE D 3 18.00 8.37 13.48
C PHE D 3 16.95 7.97 14.49
N SER D 4 17.23 8.20 15.76
CA SER D 4 16.41 7.66 16.82
C SER D 4 15.53 8.71 17.47
N LEU D 5 15.63 9.93 16.95
CA LEU D 5 14.66 11.00 17.18
C LEU D 5 14.70 11.61 18.58
N TRP D 6 15.70 11.26 19.38
CA TRP D 6 15.80 11.78 20.75
C TRP D 6 16.25 13.22 20.75
N LYS D 7 17.01 13.58 19.73
CA LYS D 7 17.17 14.99 19.32
C LYS D 7 16.62 15.15 17.90
N ARG D 8 16.49 16.39 17.43
CA ARG D 8 15.92 16.59 16.10
C ARG D 8 16.76 15.88 15.05
N PRO D 9 16.12 15.22 14.07
CA PRO D 9 16.94 14.63 13.00
C PRO D 9 17.47 15.67 12.01
N VAL D 10 18.59 16.28 12.34
CA VAL D 10 19.24 17.26 11.46
C VAL D 10 20.55 16.68 10.91
N VAL D 11 20.83 17.01 9.65
CA VAL D 11 22.02 16.55 8.97
C VAL D 11 22.34 17.67 7.98
N THR D 12 23.60 17.78 7.57
CA THR D 12 23.97 18.80 6.56
C THR D 12 23.81 18.17 5.19
N ALA D 13 22.83 18.66 4.44
CA ALA D 13 22.69 18.31 3.05
C ALA D 13 23.67 19.21 2.32
N TYR D 14 23.97 18.88 1.08
CA TYR D 14 24.71 19.76 0.18
C TYR D 14 23.85 20.04 -1.04
N ILE D 15 23.38 21.26 -1.15
CA ILE D 15 22.42 21.60 -2.18
C ILE D 15 23.15 22.41 -3.24
N GLU D 16 23.71 21.71 -4.23
CA GLU D 16 24.59 22.33 -5.23
C GLU D 16 25.96 22.61 -4.62
N GLY D 17 26.59 21.55 -4.10
CA GLY D 17 27.83 21.71 -3.35
C GLY D 17 27.70 22.31 -1.95
N GLN D 18 27.11 23.49 -1.84
CA GLN D 18 26.99 24.21 -0.56
C GLN D 18 26.36 23.38 0.57
N PRO D 19 26.97 23.44 1.77
CA PRO D 19 26.41 22.84 2.99
C PRO D 19 25.33 23.68 3.67
N VAL D 20 24.39 22.99 4.34
CA VAL D 20 23.24 23.59 5.03
C VAL D 20 22.67 22.53 5.98
N GLU D 21 22.37 22.93 7.23
CA GLU D 21 21.64 22.07 8.19
C GLU D 21 20.20 21.91 7.71
N VAL D 22 19.76 20.66 7.50
CA VAL D 22 18.35 20.39 7.21
C VAL D 22 17.75 19.32 8.14
N LEU D 23 16.52 19.60 8.57
CA LEU D 23 15.70 18.68 9.35
C LEU D 23 14.99 17.67 8.44
N LEU D 24 15.06 16.38 8.79
CA LEU D 24 14.45 15.31 8.01
C LEU D 24 13.05 15.08 8.54
N ASP D 25 12.07 15.38 7.72
CA ASP D 25 10.74 15.63 8.21
C ASP D 25 9.69 14.77 7.47
N THR D 26 9.26 13.68 8.12
CA THR D 26 8.24 12.79 7.55
C THR D 26 6.86 13.45 7.55
N GLY D 27 6.70 14.53 8.30
CA GLY D 27 5.45 15.23 8.32
C GLY D 27 5.37 16.30 7.24
N ALA D 28 6.45 16.52 6.51
CA ALA D 28 6.39 17.48 5.44
C ALA D 28 6.26 16.72 4.12
N ASP D 29 5.37 17.21 3.25
CA ASP D 29 5.20 16.63 1.93
C ASP D 29 6.33 17.07 1.02
N ASP D 30 6.78 18.31 1.21
CA ASP D 30 7.73 19.02 0.34
C ASP D 30 8.92 19.49 1.12
N SER D 31 9.90 20.03 0.41
CA SER D 31 11.12 20.54 1.04
C SER D 31 11.23 22.05 0.85
N ILE D 32 11.54 22.78 1.93
CA ILE D 32 11.71 24.25 1.91
C ILE D 32 13.05 24.59 2.55
N VAL D 33 13.85 25.42 1.86
CA VAL D 33 15.09 25.98 2.46
C VAL D 33 15.16 27.51 2.43
N ALA D 34 15.73 28.09 3.49
CA ALA D 34 15.95 29.55 3.56
C ALA D 34 17.41 29.92 3.29
N GLY D 35 17.62 31.10 2.73
CA GLY D 35 18.97 31.65 2.65
C GLY D 35 19.91 30.94 1.70
N ILE D 36 19.34 30.26 0.72
CA ILE D 36 20.09 29.78 -0.44
C ILE D 36 19.47 30.54 -1.61
N GLU D 37 20.21 30.68 -2.69
CA GLU D 37 19.75 31.43 -3.85
C GLU D 37 19.84 30.50 -5.06
N LEU D 38 18.71 30.32 -5.75
CA LEU D 38 18.59 29.32 -6.79
C LEU D 38 18.24 29.93 -8.14
N GLY D 39 17.98 31.24 -8.16
CA GLY D 39 17.93 31.96 -9.43
C GLY D 39 16.51 32.34 -9.86
N ASN D 40 16.36 32.67 -11.13
CA ASN D 40 15.11 33.27 -11.56
C ASN D 40 14.13 32.29 -12.17
N ASN D 41 14.45 31.02 -12.22
CA ASN D 41 13.52 30.10 -12.83
C ASN D 41 12.83 29.16 -11.86
N TYR D 42 11.72 29.63 -11.32
CA TYR D 42 10.94 28.90 -10.35
C TYR D 42 9.47 29.03 -10.70
N SER D 43 8.61 28.30 -10.02
CA SER D 43 7.18 28.54 -10.08
C SER D 43 6.73 29.06 -8.74
N PRO D 44 5.85 30.06 -8.73
CA PRO D 44 5.31 30.60 -7.47
C PRO D 44 4.35 29.61 -6.80
N LYS D 45 4.71 29.12 -5.62
CA LYS D 45 3.89 28.14 -4.91
C LYS D 45 3.48 28.73 -3.57
N ILE D 46 2.41 28.23 -2.98
CA ILE D 46 2.04 28.65 -1.63
C ILE D 46 1.85 27.35 -0.83
N VAL D 47 2.53 27.22 0.33
CA VAL D 47 2.44 25.99 1.11
C VAL D 47 1.90 26.24 2.50
N GLY D 48 1.18 25.26 3.04
CA GLY D 48 0.58 25.39 4.37
C GLY D 48 1.24 24.62 5.51
N GLY D 49 1.43 25.29 6.63
CA GLY D 49 1.95 24.63 7.82
C GLY D 49 0.87 24.65 8.87
N ILE D 50 1.26 24.59 10.14
CA ILE D 50 0.27 24.66 11.23
C ILE D 50 -0.16 26.07 11.62
N GLY D 51 0.78 27.02 11.59
CA GLY D 51 0.46 28.40 11.91
C GLY D 51 -0.16 29.20 10.77
N GLY D 52 -0.12 28.67 9.55
CA GLY D 52 -0.69 29.38 8.40
C GLY D 52 -0.04 29.02 7.07
N PHE D 53 -0.23 29.88 6.07
CA PHE D 53 0.31 29.70 4.70
C PHE D 53 1.47 30.67 4.42
N ILE D 54 2.45 30.20 3.64
CA ILE D 54 3.47 31.10 3.07
C ILE D 54 3.76 30.89 1.57
N ASN D 55 4.37 31.91 0.96
CA ASN D 55 4.81 31.92 -0.44
C ASN D 55 6.14 31.25 -0.60
N THR D 56 6.25 30.38 -1.59
CA THR D 56 7.54 29.76 -1.87
C THR D 56 7.87 29.94 -3.33
N LYS D 57 9.15 29.73 -3.64
CA LYS D 57 9.63 29.60 -5.00
C LYS D 57 10.05 28.16 -5.23
N GLU D 58 9.48 27.53 -6.24
CA GLU D 58 9.76 26.12 -6.52
C GLU D 58 10.71 25.89 -7.71
N TYR D 59 11.81 25.19 -7.42
CA TYR D 59 12.83 24.80 -8.38
C TYR D 59 12.83 23.28 -8.53
N LYS D 60 12.64 22.81 -9.77
CA LYS D 60 12.71 21.39 -10.07
C LYS D 60 14.13 21.00 -10.49
N ASN D 61 14.51 19.75 -10.22
CA ASN D 61 15.79 19.19 -10.64
C ASN D 61 16.99 19.85 -10.03
N VAL D 62 16.94 20.14 -8.74
CA VAL D 62 18.11 20.67 -8.05
C VAL D 62 19.00 19.53 -7.54
N GLU D 63 20.31 19.70 -7.66
CA GLU D 63 21.21 18.65 -7.25
C GLU D 63 21.39 18.73 -5.75
N ILE D 64 21.06 17.65 -5.04
CA ILE D 64 21.25 17.57 -3.58
C ILE D 64 22.15 16.35 -3.29
N GLU D 65 23.19 16.55 -2.48
CA GLU D 65 23.98 15.43 -1.97
C GLU D 65 23.74 15.28 -0.48
N VAL D 66 23.11 14.18 -0.06
CA VAL D 66 22.88 13.92 1.36
C VAL D 66 23.31 12.52 1.72
N LEU D 67 24.01 12.37 2.82
CA LEU D 67 24.19 11.04 3.41
C LEU D 67 24.86 10.08 2.42
N ASN D 68 25.81 10.64 1.69
CA ASN D 68 26.57 9.98 0.64
C ASN D 68 25.85 9.91 -0.72
N LYS D 69 24.52 9.94 -0.69
CA LYS D 69 23.76 9.90 -1.94
C LYS D 69 23.71 11.26 -2.63
N LYS D 70 23.53 11.26 -3.95
CA LYS D 70 23.41 12.49 -4.73
C LYS D 70 22.22 12.39 -5.68
N VAL D 71 21.19 13.18 -5.45
CA VAL D 71 19.98 13.08 -6.24
C VAL D 71 19.53 14.45 -6.78
N ARG D 72 18.79 14.44 -7.87
CA ARG D 72 18.04 15.64 -8.30
C ARG D 72 16.62 15.59 -7.69
N ALA D 73 16.21 16.68 -7.07
CA ALA D 73 14.91 16.73 -6.42
C ALA D 73 14.32 18.10 -6.58
N THR D 74 13.05 18.23 -6.23
CA THR D 74 12.37 19.52 -6.31
C THR D 74 12.51 20.19 -4.96
N ILE D 75 13.05 21.40 -4.96
CA ILE D 75 13.33 22.14 -3.74
C ILE D 75 12.56 23.46 -3.80
N MET D 76 11.90 23.85 -2.72
CA MET D 76 11.33 25.18 -2.63
C MET D 76 12.15 26.12 -1.77
N THR D 77 12.06 27.39 -2.10
CA THR D 77 12.71 28.42 -1.33
C THR D 77 11.64 29.28 -0.63
N GLY D 78 11.77 29.46 0.68
CA GLY D 78 10.80 30.27 1.38
C GLY D 78 11.24 30.88 2.69
N ASP D 79 10.32 31.64 3.25
CA ASP D 79 10.50 32.35 4.51
C ASP D 79 10.22 31.34 5.63
N THR D 80 11.21 30.52 5.96
CA THR D 80 10.99 29.44 6.89
C THR D 80 11.97 29.41 8.05
N PRO D 81 11.48 29.16 9.28
CA PRO D 81 12.30 29.05 10.50
C PRO D 81 13.44 28.01 10.46
N ILE D 82 13.19 26.89 9.81
CA ILE D 82 14.15 25.79 9.77
C ILE D 82 14.09 25.21 8.36
N ASN D 83 15.18 24.60 7.91
CA ASN D 83 15.27 24.05 6.56
C ASN D 83 14.78 22.65 6.69
N ILE D 84 13.88 22.27 5.81
CA ILE D 84 13.16 21.02 5.94
C ILE D 84 13.39 20.21 4.70
N PHE D 85 13.79 18.97 4.87
CA PHE D 85 13.67 17.98 3.81
C PHE D 85 12.46 17.09 4.10
N GLY D 86 11.45 17.18 3.23
CA GLY D 86 10.22 16.43 3.41
C GLY D 86 10.19 15.15 2.59
N ARG D 87 9.01 14.54 2.49
CA ARG D 87 8.89 13.19 1.95
C ARG D 87 9.34 13.03 0.49
N ASN D 88 9.47 14.11 -0.27
CA ASN D 88 9.86 13.96 -1.68
C ASN D 88 11.32 13.57 -1.83
N ILE D 89 12.16 14.12 -0.95
CA ILE D 89 13.59 13.79 -0.93
C ILE D 89 13.81 12.57 -0.09
N LEU D 90 13.20 12.51 1.10
CA LEU D 90 13.27 11.30 1.91
C LEU D 90 13.04 10.04 1.03
N THR D 91 11.96 10.01 0.24
CA THR D 91 11.72 8.85 -0.64
C THR D 91 12.79 8.65 -1.73
N ALA D 92 13.41 9.74 -2.18
CA ALA D 92 14.51 9.66 -3.13
C ALA D 92 15.80 9.15 -2.46
N LEU D 93 15.90 9.35 -1.14
CA LEU D 93 17.00 8.82 -0.35
C LEU D 93 16.74 7.36 0.00
N GLY D 94 15.52 6.92 -0.18
CA GLY D 94 15.16 5.58 0.28
C GLY D 94 15.12 5.43 1.79
N MET D 95 14.79 6.49 2.53
CA MET D 95 14.52 6.31 3.94
C MET D 95 13.13 5.71 4.18
N SER D 96 12.90 5.27 5.41
CA SER D 96 11.62 4.76 5.86
C SER D 96 11.51 4.95 7.36
N LEU D 97 10.27 5.08 7.83
CA LEU D 97 9.98 5.08 9.26
C LEU D 97 9.90 3.65 9.78
N ASN D 98 10.52 3.38 10.92
CA ASN D 98 10.52 2.01 11.37
C ASN D 98 9.95 1.78 12.72
N LEU D 99 9.12 0.74 12.75
CA LEU D 99 8.09 0.41 13.74
C LEU D 99 6.93 1.36 13.83
#